data_4ERD
#
_entry.id   4ERD
#
_cell.length_a   88.830
_cell.length_b   88.830
_cell.length_c   119.210
_cell.angle_alpha   90.00
_cell.angle_beta   90.00
_cell.angle_gamma   120.00
#
_symmetry.space_group_name_H-M   'P 31 2 1'
#
loop_
_entity.id
_entity.type
_entity.pdbx_description
1 polymer 'Telomerase associated protein p65'
2 polymer "5'-R(P*GP*GP*UP*CP*GP*AP*CP*AP*UP*CP*UP*UP*CP*GP*GP*AP*UP*GP*GP*AP*CP*C)-3'"
3 non-polymer 'POTASSIUM ION'
4 water water
#
loop_
_entity_poly.entity_id
_entity_poly.type
_entity_poly.pdbx_seq_one_letter_code
_entity_poly.pdbx_strand_id
1 'polypeptide(L)'
;(MSE)HHHHHHSIKQNCLIKIINIPQGTLKAEVVLAVRHLGYEFYCDYIDGQA(MSE)IRFQNSDEQRLAIQKLLNHNNN
KLQIEIRGQICDVISTIPEDEEKNYWNYIKFKKNEFRKFFF(MSE)KKQQKKQNITQNYNK
;
A,B
2 'polyribonucleotide' GGUCGACAUCUUCGGAUGGACC C,D
#
loop_
_chem_comp.id
_chem_comp.type
_chem_comp.name
_chem_comp.formula
A RNA linking ADENOSINE-5'-MONOPHOSPHATE 'C10 H14 N5 O7 P'
C RNA linking CYTIDINE-5'-MONOPHOSPHATE 'C9 H14 N3 O8 P'
G RNA linking GUANOSINE-5'-MONOPHOSPHATE 'C10 H14 N5 O8 P'
K non-polymer 'POTASSIUM ION' 'K 1'
U RNA linking URIDINE-5'-MONOPHOSPHATE 'C9 H13 N2 O9 P'
#
# COMPACT_ATOMS: atom_id res chain seq x y z
N ASN A 12 -19.81 2.60 -26.96
CA ASN A 12 -20.34 1.33 -26.50
C ASN A 12 -19.80 0.89 -25.14
N CYS A 13 -18.48 0.82 -25.03
CA CYS A 13 -17.85 0.30 -23.81
C CYS A 13 -17.05 1.37 -23.06
N LEU A 14 -16.98 2.56 -23.62
CA LEU A 14 -16.10 3.59 -23.07
C LEU A 14 -16.82 4.78 -22.42
N ILE A 15 -16.26 5.22 -21.29
CA ILE A 15 -16.57 6.53 -20.74
C ILE A 15 -15.25 7.18 -20.31
N LYS A 16 -15.22 8.51 -20.24
CA LYS A 16 -14.00 9.22 -19.89
C LYS A 16 -14.23 10.16 -18.71
N ILE A 17 -13.49 9.94 -17.63
CA ILE A 17 -13.54 10.83 -16.48
C ILE A 17 -12.53 11.95 -16.65
N ILE A 18 -12.98 13.19 -16.51
CA ILE A 18 -12.12 14.35 -16.70
C ILE A 18 -12.05 15.22 -15.45
N ASN A 19 -11.13 16.18 -15.46
CA ASN A 19 -10.92 17.11 -14.35
C ASN A 19 -10.65 16.42 -13.02
N ILE A 20 -9.98 15.28 -13.08
CA ILE A 20 -9.57 14.57 -11.88
C ILE A 20 -8.53 15.41 -11.14
N PRO A 21 -8.76 15.67 -9.85
CA PRO A 21 -7.90 16.53 -9.02
C PRO A 21 -6.44 16.12 -9.10
N GLN A 22 -5.53 17.09 -9.06
CA GLN A 22 -4.10 16.81 -9.15
C GLN A 22 -3.63 15.98 -7.96
N GLY A 23 -2.68 15.09 -8.21
CA GLY A 23 -2.10 14.28 -7.15
C GLY A 23 -2.97 13.09 -6.78
N THR A 24 -4.08 12.93 -7.49
CA THR A 24 -4.96 11.79 -7.26
C THR A 24 -4.31 10.52 -7.76
N LEU A 25 -4.23 9.51 -6.90
CA LEU A 25 -3.67 8.22 -7.28
C LEU A 25 -4.71 7.41 -8.06
N LYS A 26 -4.22 6.45 -8.85
CA LYS A 26 -5.09 5.62 -9.68
C LYS A 26 -6.10 4.84 -8.86
N ALA A 27 -5.68 4.38 -7.69
CA ALA A 27 -6.54 3.58 -6.82
C ALA A 27 -7.78 4.35 -6.37
N GLU A 28 -7.62 5.65 -6.16
CA GLU A 28 -8.75 6.50 -5.77
C GLU A 28 -9.77 6.59 -6.89
N VAL A 29 -9.29 6.61 -8.13
CA VAL A 29 -10.16 6.66 -9.30
C VAL A 29 -10.85 5.32 -9.50
N VAL A 30 -10.08 4.24 -9.44
CA VAL A 30 -10.60 2.90 -9.61
C VAL A 30 -11.67 2.56 -8.58
N LEU A 31 -11.43 2.96 -7.33
CA LEU A 31 -12.38 2.70 -6.24
C LEU A 31 -13.74 3.36 -6.49
N ALA A 32 -13.72 4.60 -6.98
CA ALA A 32 -14.94 5.34 -7.24
C ALA A 32 -15.78 4.69 -8.33
N VAL A 33 -15.10 4.10 -9.31
CA VAL A 33 -15.78 3.44 -10.42
C VAL A 33 -16.29 2.06 -10.01
N ARG A 34 -15.58 1.42 -9.08
CA ARG A 34 -15.99 0.10 -8.57
C ARG A 34 -17.35 0.14 -7.90
N HIS A 35 -17.73 1.30 -7.40
CA HIS A 35 -19.02 1.48 -6.73
C HIS A 35 -20.21 1.22 -7.67
N LEU A 36 -19.96 1.33 -8.97
CA LEU A 36 -20.99 1.08 -9.97
C LEU A 36 -21.31 -0.41 -10.05
N GLY A 37 -20.38 -1.25 -9.62
CA GLY A 37 -20.59 -2.68 -9.55
C GLY A 37 -20.35 -3.39 -10.88
N TYR A 38 -19.48 -2.82 -11.71
CA TYR A 38 -19.16 -3.43 -13.00
C TYR A 38 -17.65 -3.56 -13.18
N GLU A 39 -17.23 -4.58 -13.90
CA GLU A 39 -15.81 -4.80 -14.16
C GLU A 39 -15.33 -3.93 -15.31
N PHE A 40 -14.12 -3.39 -15.16
CA PHE A 40 -13.57 -2.46 -16.12
C PHE A 40 -12.05 -2.43 -16.04
N TYR A 41 -11.42 -1.94 -17.10
CA TYR A 41 -10.00 -1.62 -17.06
C TYR A 41 -9.89 -0.11 -16.91
N CYS A 42 -8.75 0.39 -16.44
CA CYS A 42 -8.58 1.82 -16.24
C CYS A 42 -7.20 2.32 -16.65
N ASP A 43 -7.19 3.39 -17.44
CA ASP A 43 -5.94 4.09 -17.79
C ASP A 43 -6.06 5.54 -17.35
N TYR A 44 -5.14 5.94 -16.49
CA TYR A 44 -5.21 7.23 -15.84
C TYR A 44 -4.03 8.12 -16.22
N ILE A 45 -4.26 9.05 -17.14
CA ILE A 45 -3.21 9.94 -17.64
C ILE A 45 -3.68 11.39 -17.74
N ASP A 46 -2.86 12.30 -17.20
CA ASP A 46 -3.07 13.74 -17.33
C ASP A 46 -4.42 14.23 -16.77
N GLY A 47 -4.72 13.85 -15.55
CA GLY A 47 -5.95 14.29 -14.90
C GLY A 47 -7.20 13.74 -15.55
N GLN A 48 -7.03 12.79 -16.44
CA GLN A 48 -8.15 12.13 -17.11
C GLN A 48 -8.03 10.63 -16.97
N ALA A 49 -9.15 9.93 -17.11
CA ALA A 49 -9.16 8.47 -17.04
C ALA A 49 -10.16 7.87 -18.01
N MSE A 50 -9.68 7.02 -18.90
CA MSE A 50 -10.54 6.28 -19.80
C MSE A 50 -11.01 5.02 -19.07
O MSE A 50 -10.27 4.46 -18.26
CB MSE A 50 -9.80 5.90 -21.08
CG MSE A 50 -10.69 5.36 -22.18
SE MSE A 50 -11.87 6.73 -22.93
CE MSE A 50 -10.55 7.78 -23.90
N ILE A 51 -12.25 4.61 -19.32
CA ILE A 51 -12.80 3.42 -18.69
C ILE A 51 -13.48 2.51 -19.71
N ARG A 52 -12.94 1.30 -19.85
CA ARG A 52 -13.54 0.31 -20.76
C ARG A 52 -14.22 -0.79 -19.96
N PHE A 53 -15.53 -0.88 -20.10
CA PHE A 53 -16.28 -1.94 -19.44
C PHE A 53 -16.17 -3.23 -20.24
N GLN A 54 -16.46 -4.36 -19.60
CA GLN A 54 -16.32 -5.65 -20.24
C GLN A 54 -17.27 -5.79 -21.42
N ASN A 55 -18.51 -5.35 -21.23
CA ASN A 55 -19.51 -5.36 -22.29
C ASN A 55 -20.22 -4.02 -22.42
N SER A 56 -20.77 -3.76 -23.61
CA SER A 56 -21.39 -2.47 -23.90
C SER A 56 -22.67 -2.23 -23.09
N ASP A 57 -23.32 -3.31 -22.68
CA ASP A 57 -24.57 -3.20 -21.93
C ASP A 57 -24.35 -2.65 -20.52
N GLU A 58 -23.28 -3.10 -19.87
CA GLU A 58 -22.96 -2.65 -18.52
C GLU A 58 -22.49 -1.20 -18.51
N GLN A 59 -21.98 -0.74 -19.65
CA GLN A 59 -21.58 0.65 -19.80
C GLN A 59 -22.81 1.53 -19.84
N ARG A 60 -23.85 1.06 -20.54
CA ARG A 60 -25.13 1.74 -20.59
C ARG A 60 -25.75 1.84 -19.21
N LEU A 61 -25.64 0.76 -18.44
CA LEU A 61 -26.15 0.73 -17.07
C LEU A 61 -25.28 1.59 -16.15
N ALA A 62 -24.01 1.71 -16.48
CA ALA A 62 -23.10 2.53 -15.69
C ALA A 62 -23.40 4.02 -15.92
N ILE A 63 -23.75 4.36 -17.16
CA ILE A 63 -24.09 5.73 -17.52
C ILE A 63 -25.30 6.24 -16.74
N GLN A 64 -26.35 5.42 -16.69
CA GLN A 64 -27.59 5.82 -16.02
C GLN A 64 -27.40 5.99 -14.51
N LYS A 65 -26.33 5.41 -13.97
CA LYS A 65 -26.02 5.56 -12.55
C LYS A 65 -25.26 6.86 -12.30
N LEU A 66 -24.45 7.26 -13.28
CA LEU A 66 -23.66 8.48 -13.17
C LEU A 66 -24.49 9.71 -13.54
N LEU A 67 -25.60 9.48 -14.24
CA LEU A 67 -26.44 10.56 -14.72
C LEU A 67 -27.13 11.32 -13.60
N ASN A 68 -26.82 12.61 -13.50
CA ASN A 68 -27.47 13.48 -12.54
C ASN A 68 -28.66 14.18 -13.19
N HIS A 69 -29.86 13.83 -12.75
CA HIS A 69 -31.09 14.35 -13.37
C HIS A 69 -31.37 15.81 -13.02
N ASN A 70 -30.53 16.38 -12.16
CA ASN A 70 -30.67 17.79 -11.79
C ASN A 70 -30.04 18.71 -12.82
N ASN A 71 -28.89 18.31 -13.36
CA ASN A 71 -28.19 19.09 -14.37
C ASN A 71 -28.04 18.34 -15.69
N ASN A 72 -28.67 17.17 -15.77
CA ASN A 72 -28.71 16.36 -16.99
C ASN A 72 -27.33 16.00 -17.56
N LYS A 73 -26.34 15.86 -16.68
CA LYS A 73 -24.99 15.52 -17.10
C LYS A 73 -24.37 14.43 -16.24
N LEU A 74 -23.50 13.64 -16.85
CA LEU A 74 -22.85 12.53 -16.16
C LEU A 74 -21.76 13.04 -15.23
N GLN A 75 -21.79 12.59 -13.98
CA GLN A 75 -20.81 13.02 -12.98
C GLN A 75 -20.38 11.89 -12.05
N ILE A 76 -19.24 12.06 -11.41
CA ILE A 76 -18.75 11.10 -10.42
C ILE A 76 -17.86 11.81 -9.40
N GLU A 77 -18.02 11.44 -8.12
CA GLU A 77 -17.26 12.07 -7.05
C GLU A 77 -15.91 11.41 -6.81
N ILE A 78 -14.85 12.22 -6.78
CA ILE A 78 -13.51 11.73 -6.49
C ILE A 78 -12.82 12.70 -5.55
N ARG A 79 -12.41 12.20 -4.38
CA ARG A 79 -11.77 13.01 -3.34
C ARG A 79 -12.62 14.21 -2.92
N GLY A 80 -13.92 14.00 -2.83
CA GLY A 80 -14.84 15.05 -2.40
C GLY A 80 -15.17 16.05 -3.49
N GLN A 81 -14.55 15.87 -4.67
CA GLN A 81 -14.79 16.76 -5.79
C GLN A 81 -15.66 16.11 -6.85
N ILE A 82 -16.39 16.93 -7.60
CA ILE A 82 -17.25 16.44 -8.67
C ILE A 82 -16.50 16.40 -10.00
N CYS A 83 -16.46 15.22 -10.61
CA CYS A 83 -15.79 15.06 -11.90
C CYS A 83 -16.80 14.71 -12.99
N ASP A 84 -16.76 15.47 -14.08
CA ASP A 84 -17.62 15.20 -15.22
C ASP A 84 -17.12 13.98 -15.98
N VAL A 85 -18.04 13.19 -16.53
CA VAL A 85 -17.65 12.06 -17.35
C VAL A 85 -18.26 12.18 -18.75
N ILE A 86 -17.50 11.76 -19.75
CA ILE A 86 -17.93 11.84 -21.14
C ILE A 86 -18.32 10.46 -21.65
N SER A 87 -19.49 10.37 -22.28
CA SER A 87 -19.96 9.10 -22.82
C SER A 87 -19.76 9.05 -24.33
N THR A 88 -19.60 10.23 -24.93
CA THR A 88 -19.38 10.34 -26.37
C THR A 88 -17.96 10.78 -26.67
N ILE A 89 -17.10 9.82 -26.98
CA ILE A 89 -15.70 10.09 -27.28
C ILE A 89 -15.55 10.48 -28.74
N PRO A 90 -14.80 11.56 -29.00
CA PRO A 90 -14.46 11.95 -30.38
C PRO A 90 -13.84 10.79 -31.15
N GLU A 91 -14.23 10.62 -32.40
CA GLU A 91 -13.81 9.48 -33.21
C GLU A 91 -12.30 9.27 -33.26
N ASP A 92 -11.55 10.36 -33.42
CA ASP A 92 -10.11 10.29 -33.54
C ASP A 92 -9.45 9.89 -32.22
N GLU A 93 -10.03 10.35 -31.11
CA GLU A 93 -9.50 10.03 -29.79
C GLU A 93 -9.71 8.56 -29.45
N GLU A 94 -10.87 8.04 -29.84
CA GLU A 94 -11.19 6.64 -29.58
C GLU A 94 -10.35 5.73 -30.46
N LYS A 95 -10.15 6.15 -31.70
CA LYS A 95 -9.36 5.37 -32.66
C LYS A 95 -7.90 5.24 -32.18
N ASN A 96 -7.33 6.35 -31.73
CA ASN A 96 -5.98 6.36 -31.19
C ASN A 96 -5.91 5.48 -29.95
N TYR A 97 -7.01 5.42 -29.24
CA TYR A 97 -7.09 4.70 -27.98
C TYR A 97 -7.08 3.18 -28.16
N TRP A 98 -7.81 2.69 -29.16
CA TRP A 98 -7.86 1.25 -29.40
C TRP A 98 -6.52 0.74 -29.91
N ASN A 99 -5.80 1.59 -30.65
CA ASN A 99 -4.44 1.27 -31.09
C ASN A 99 -3.50 1.22 -29.89
N TYR A 100 -3.71 2.13 -28.95
CA TYR A 100 -2.95 2.18 -27.71
C TYR A 100 -3.06 0.85 -26.98
N ILE A 101 -4.29 0.33 -26.89
CA ILE A 101 -4.55 -0.96 -26.26
C ILE A 101 -3.85 -2.09 -27.00
N LYS A 102 -4.08 -2.12 -28.31
CA LYS A 102 -3.53 -3.17 -29.18
C LYS A 102 -2.02 -3.32 -28.99
N PHE A 103 -1.32 -2.20 -28.90
CA PHE A 103 0.12 -2.22 -28.64
C PHE A 103 0.42 -2.77 -27.25
N LYS A 104 -0.29 -2.27 -26.25
CA LYS A 104 -0.10 -2.73 -24.87
C LYS A 104 -0.36 -4.24 -24.73
N LYS A 105 -1.41 -4.72 -25.38
CA LYS A 105 -1.74 -6.13 -25.34
C LYS A 105 -0.67 -6.97 -26.03
N ASN A 106 -0.24 -6.51 -27.21
CA ASN A 106 0.80 -7.20 -27.96
C ASN A 106 2.16 -7.09 -27.28
N GLU A 107 2.35 -6.03 -26.52
CA GLU A 107 3.57 -5.84 -25.73
C GLU A 107 3.61 -6.84 -24.60
N PHE A 108 2.44 -7.13 -24.03
CA PHE A 108 2.30 -8.09 -22.96
C PHE A 108 2.69 -9.49 -23.44
N ARG A 109 2.28 -9.82 -24.66
CA ARG A 109 2.54 -11.14 -25.22
C ARG A 109 3.97 -11.24 -25.78
N LYS A 110 4.54 -10.10 -26.15
CA LYS A 110 5.90 -10.08 -26.67
C LYS A 110 6.90 -10.37 -25.54
N PHE A 111 6.53 -10.00 -24.32
CA PHE A 111 7.38 -10.20 -23.15
C PHE A 111 7.71 -11.68 -22.95
N PHE A 112 6.68 -12.51 -22.93
CA PHE A 112 6.85 -13.94 -22.70
C PHE A 112 7.54 -14.62 -23.88
N PHE A 113 7.28 -14.13 -25.09
CA PHE A 113 7.88 -14.69 -26.29
C PHE A 113 9.40 -14.50 -26.26
N MSE A 114 9.84 -13.30 -25.90
CA MSE A 114 11.26 -13.00 -25.84
C MSE A 114 11.96 -13.74 -24.71
O MSE A 114 13.15 -14.04 -24.79
CB MSE A 114 11.49 -11.49 -25.72
CG MSE A 114 10.99 -10.67 -26.90
SE MSE A 114 11.86 -11.11 -28.60
CE MSE A 114 13.70 -10.73 -28.09
N LYS A 115 11.21 -14.04 -23.65
CA LYS A 115 11.75 -14.78 -22.52
C LYS A 115 12.15 -16.20 -22.91
N LYS A 116 11.38 -16.79 -23.82
CA LYS A 116 11.69 -18.11 -24.35
C LYS A 116 12.95 -18.07 -25.19
N GLN A 117 13.18 -16.93 -25.84
CA GLN A 117 14.34 -16.75 -26.71
C GLN A 117 15.64 -16.67 -25.90
N GLN A 118 15.51 -16.25 -24.65
CA GLN A 118 16.67 -16.12 -23.76
C GLN A 118 17.25 -17.48 -23.39
N LYS A 119 16.54 -18.55 -23.75
CA LYS A 119 16.99 -19.90 -23.47
C LYS A 119 17.72 -20.50 -24.67
N ASN B 12 18.00 -8.18 26.95
CA ASN B 12 18.01 -9.61 26.64
C ASN B 12 17.55 -9.90 25.22
N CYS B 13 16.29 -9.58 24.92
CA CYS B 13 15.73 -9.82 23.60
C CYS B 13 15.26 -8.53 22.94
N LEU B 14 15.28 -7.44 23.71
CA LEU B 14 14.70 -6.18 23.27
C LEU B 14 15.74 -5.10 22.96
N ILE B 15 15.51 -4.38 21.87
CA ILE B 15 16.23 -3.13 21.60
C ILE B 15 15.23 -2.07 21.17
N LYS B 16 15.57 -0.80 21.37
CA LYS B 16 14.67 0.29 21.00
C LYS B 16 15.35 1.27 20.05
N ILE B 17 14.71 1.51 18.91
CA ILE B 17 15.19 2.52 17.97
C ILE B 17 14.51 3.85 18.23
N ILE B 18 15.30 4.89 18.50
CA ILE B 18 14.75 6.21 18.77
C ILE B 18 15.12 7.22 17.69
N ASN B 19 14.56 8.42 17.80
CA ASN B 19 14.83 9.52 16.87
C ASN B 19 14.53 9.16 15.41
N ILE B 20 13.53 8.30 15.20
CA ILE B 20 13.10 7.94 13.87
C ILE B 20 12.39 9.12 13.22
N PRO B 21 12.85 9.52 12.02
CA PRO B 21 12.32 10.66 11.27
C PRO B 21 10.80 10.57 11.10
N GLN B 22 10.11 11.70 11.18
CA GLN B 22 8.66 11.70 11.00
C GLN B 22 8.31 11.37 9.55
N GLY B 23 7.19 10.70 9.36
CA GLY B 23 6.76 10.30 8.03
C GLY B 23 7.35 8.96 7.62
N THR B 24 8.23 8.42 8.46
CA THR B 24 8.83 7.11 8.18
C THR B 24 7.81 6.00 8.38
N LEU B 25 7.52 5.28 7.30
CA LEU B 25 6.57 4.18 7.36
C LEU B 25 7.18 2.97 8.06
N LYS B 26 6.32 2.12 8.62
CA LYS B 26 6.77 0.93 9.34
C LYS B 26 7.52 -0.03 8.43
N ALA B 27 7.10 -0.10 7.17
CA ALA B 27 7.75 -0.97 6.19
C ALA B 27 9.20 -0.58 5.99
N GLU B 28 9.52 0.68 6.26
CA GLU B 28 10.87 1.20 6.09
C GLU B 28 11.78 0.83 7.26
N VAL B 29 11.25 0.89 8.47
CA VAL B 29 12.05 0.53 9.65
C VAL B 29 12.19 -0.98 9.75
N VAL B 30 11.18 -1.72 9.28
CA VAL B 30 11.25 -3.17 9.22
C VAL B 30 12.34 -3.62 8.26
N LEU B 31 12.34 -3.03 7.07
CA LEU B 31 13.34 -3.34 6.05
C LEU B 31 14.75 -3.04 6.54
N ALA B 32 14.88 -1.98 7.33
CA ALA B 32 16.16 -1.60 7.90
C ALA B 32 16.65 -2.63 8.90
N VAL B 33 15.75 -3.06 9.78
CA VAL B 33 16.08 -4.07 10.79
C VAL B 33 16.26 -5.44 10.12
N ARG B 34 15.52 -5.66 9.03
CA ARG B 34 15.61 -6.92 8.28
C ARG B 34 17.02 -7.14 7.71
N HIS B 35 17.71 -6.06 7.39
CA HIS B 35 19.07 -6.14 6.83
C HIS B 35 20.05 -6.84 7.77
N LEU B 36 19.71 -6.93 9.04
CA LEU B 36 20.54 -7.61 10.03
C LEU B 36 20.54 -9.11 9.81
N GLY B 37 19.48 -9.63 9.20
CA GLY B 37 19.40 -11.04 8.86
C GLY B 37 18.85 -11.90 9.97
N TYR B 38 18.26 -11.28 10.98
CA TYR B 38 17.67 -12.02 12.10
C TYR B 38 16.16 -11.85 12.15
N GLU B 39 15.48 -12.83 12.75
CA GLU B 39 14.03 -12.77 12.92
C GLU B 39 13.68 -11.84 14.08
N PHE B 40 12.60 -11.09 13.93
CA PHE B 40 12.18 -10.13 14.95
C PHE B 40 10.71 -9.75 14.82
N TYR B 41 10.17 -9.16 15.88
CA TYR B 41 8.84 -8.60 15.84
C TYR B 41 8.95 -7.09 16.08
N CYS B 42 8.27 -6.31 15.26
CA CYS B 42 8.41 -4.85 15.32
C CYS B 42 7.12 -4.15 15.74
N ASP B 43 7.21 -3.37 16.81
CA ASP B 43 6.12 -2.49 17.22
C ASP B 43 6.55 -1.05 17.01
N TYR B 44 5.88 -0.37 16.09
CA TYR B 44 6.24 0.99 15.72
C TYR B 44 5.05 1.82 15.27
N ILE B 45 4.99 3.06 15.72
CA ILE B 45 3.97 4.00 15.29
C ILE B 45 4.61 5.30 14.78
N ASP B 46 5.40 5.93 15.63
CA ASP B 46 6.04 7.20 15.28
C ASP B 46 7.29 7.46 16.11
N GLY B 47 8.39 7.75 15.42
CA GLY B 47 9.62 8.20 16.06
C GLY B 47 10.34 7.20 16.95
N GLN B 48 9.67 6.11 17.28
CA GLN B 48 10.21 5.14 18.22
C GLN B 48 9.71 3.73 17.91
N ALA B 49 10.62 2.77 17.86
CA ALA B 49 10.27 1.39 17.55
C ALA B 49 10.83 0.42 18.56
N MSE B 50 10.07 -0.63 18.86
CA MSE B 50 10.50 -1.66 19.79
C MSE B 50 10.73 -2.97 19.05
O MSE B 50 9.77 -3.57 18.54
CB MSE B 50 9.47 -1.85 20.90
CG MSE B 50 9.95 -2.78 22.01
SE MSE B 50 11.33 -2.00 23.13
CE MSE B 50 10.31 -0.55 23.93
N ILE B 51 11.98 -3.43 18.99
CA ILE B 51 12.32 -4.63 18.26
C ILE B 51 12.54 -5.81 19.20
N ARG B 52 11.79 -6.88 19.00
CA ARG B 52 11.92 -8.09 19.82
C ARG B 52 12.48 -9.25 19.01
N PHE B 53 13.69 -9.67 19.34
CA PHE B 53 14.30 -10.81 18.66
C PHE B 53 13.82 -12.13 19.26
N GLN B 54 13.90 -13.19 18.47
CA GLN B 54 13.36 -14.48 18.85
C GLN B 54 14.00 -15.04 20.11
N ASN B 55 15.32 -14.89 20.21
CA ASN B 55 16.05 -15.32 21.41
C ASN B 55 17.10 -14.30 21.82
N SER B 56 17.62 -14.44 23.03
CA SER B 56 18.59 -13.50 23.57
C SER B 56 19.93 -13.54 22.81
N ASP B 57 20.27 -14.71 22.29
CA ASP B 57 21.53 -14.89 21.58
C ASP B 57 21.58 -14.08 20.29
N GLU B 58 20.49 -14.14 19.52
CA GLU B 58 20.43 -13.41 18.25
C GLU B 58 20.33 -11.90 18.48
N GLN B 59 19.83 -11.52 19.65
CA GLN B 59 19.74 -10.11 20.01
C GLN B 59 21.13 -9.51 20.21
N ARG B 60 21.99 -10.25 20.91
CA ARG B 60 23.37 -9.82 21.11
C ARG B 60 24.13 -9.84 19.79
N LEU B 61 23.75 -10.78 18.93
CA LEU B 61 24.38 -10.94 17.63
C LEU B 61 24.03 -9.77 16.73
N ALA B 62 22.80 -9.27 16.87
CA ALA B 62 22.32 -8.16 16.06
C ALA B 62 22.92 -6.83 16.52
N ILE B 63 23.15 -6.71 17.83
CA ILE B 63 23.77 -5.52 18.39
C ILE B 63 25.18 -5.34 17.83
N GLN B 64 25.90 -6.44 17.69
CA GLN B 64 27.27 -6.42 17.18
C GLN B 64 27.35 -5.83 15.78
N LYS B 65 26.39 -6.18 14.93
CA LYS B 65 26.36 -5.68 13.56
C LYS B 65 26.09 -4.17 13.52
N LEU B 66 25.29 -3.69 14.46
CA LEU B 66 24.97 -2.27 14.56
C LEU B 66 25.98 -1.54 15.42
N LEU B 67 27.23 -1.50 14.96
CA LEU B 67 28.30 -0.92 15.77
C LEU B 67 29.24 -0.02 14.97
N ASN B 68 29.29 1.25 15.35
CA ASN B 68 30.32 2.16 14.86
C ASN B 68 31.33 2.42 15.97
N HIS B 69 32.58 2.05 15.73
CA HIS B 69 33.61 2.10 16.76
C HIS B 69 33.99 3.53 17.19
N ASN B 70 33.41 4.52 16.50
CA ASN B 70 33.51 5.91 16.93
C ASN B 70 32.53 6.14 18.09
N ASN B 71 33.08 6.53 19.23
CA ASN B 71 32.30 6.70 20.47
C ASN B 71 31.63 5.41 20.98
N ASN B 72 31.91 4.29 20.32
CA ASN B 72 31.31 3.00 20.64
C ASN B 72 29.78 3.10 20.72
N LYS B 73 29.21 3.86 19.80
CA LYS B 73 27.79 4.19 19.83
C LYS B 73 26.93 3.08 19.22
N LEU B 74 25.65 3.08 19.57
CA LEU B 74 24.69 2.14 19.01
C LEU B 74 23.73 2.87 18.09
N GLN B 75 23.85 2.62 16.79
CA GLN B 75 23.06 3.33 15.79
C GLN B 75 22.52 2.41 14.71
N ILE B 76 21.56 2.91 13.94
CA ILE B 76 20.97 2.17 12.83
C ILE B 76 20.68 3.10 11.66
N GLU B 77 20.59 2.55 10.46
CA GLU B 77 20.36 3.32 9.24
C GLU B 77 18.91 3.18 8.77
N ILE B 78 18.13 4.25 8.92
CA ILE B 78 16.73 4.23 8.50
C ILE B 78 16.39 5.38 7.55
N ARG B 79 16.09 5.03 6.30
CA ARG B 79 15.76 6.00 5.25
C ARG B 79 16.78 7.14 5.15
N GLY B 80 18.02 6.79 4.84
CA GLY B 80 19.07 7.77 4.66
C GLY B 80 19.52 8.49 5.92
N GLN B 81 18.77 8.33 7.00
CA GLN B 81 19.06 9.03 8.24
C GLN B 81 19.47 8.08 9.37
N ILE B 82 20.44 8.52 10.17
CA ILE B 82 20.95 7.71 11.27
C ILE B 82 20.08 7.84 12.52
N CYS B 83 19.74 6.70 13.10
CA CYS B 83 18.94 6.67 14.33
C CYS B 83 19.66 5.89 15.43
N ASP B 84 19.67 6.44 16.64
CA ASP B 84 20.31 5.80 17.77
C ASP B 84 19.43 4.66 18.30
N VAL B 85 20.06 3.56 18.68
CA VAL B 85 19.32 2.43 19.26
C VAL B 85 19.72 2.19 20.71
N ILE B 86 18.78 1.66 21.49
CA ILE B 86 19.00 1.46 22.92
C ILE B 86 18.79 0.01 23.31
N SER B 87 19.74 -0.55 24.05
CA SER B 87 19.63 -1.92 24.55
C SER B 87 19.19 -1.92 26.01
N THR B 88 19.39 -0.80 26.68
CA THR B 88 19.00 -0.66 28.08
C THR B 88 17.63 -0.01 28.21
N ILE B 89 16.58 -0.81 27.99
CA ILE B 89 15.21 -0.33 28.10
C ILE B 89 14.87 0.03 29.54
N PRO B 90 14.28 1.21 29.75
CA PRO B 90 13.79 1.60 31.08
C PRO B 90 12.85 0.55 31.65
N GLU B 91 12.98 0.26 32.94
CA GLU B 91 12.25 -0.83 33.57
C GLU B 91 10.74 -0.67 33.51
N ASP B 92 10.25 0.57 33.66
CA ASP B 92 8.83 0.83 33.60
C ASP B 92 8.30 0.63 32.17
N GLU B 93 9.11 0.99 31.19
CA GLU B 93 8.71 0.88 29.79
C GLU B 93 8.73 -0.57 29.32
N GLU B 94 9.75 -1.31 29.75
CA GLU B 94 9.87 -2.72 29.39
C GLU B 94 8.75 -3.54 30.03
N LYS B 95 8.39 -3.16 31.24
CA LYS B 95 7.29 -3.82 31.96
C LYS B 95 5.98 -3.66 31.22
N ASN B 96 5.69 -2.43 30.80
CA ASN B 96 4.47 -2.14 30.04
C ASN B 96 4.44 -2.90 28.73
N TYR B 97 5.59 -2.95 28.06
CA TYR B 97 5.71 -3.66 26.79
C TYR B 97 5.34 -5.13 26.94
N TRP B 98 6.05 -5.84 27.82
CA TRP B 98 5.79 -7.25 28.04
C TRP B 98 4.36 -7.54 28.45
N ASN B 99 3.81 -6.68 29.31
CA ASN B 99 2.42 -6.83 29.74
C ASN B 99 1.45 -6.71 28.57
N TYR B 100 1.76 -5.83 27.63
CA TYR B 100 0.93 -5.66 26.44
C TYR B 100 1.07 -6.85 25.49
N ILE B 101 2.30 -7.34 25.34
CA ILE B 101 2.56 -8.47 24.45
C ILE B 101 1.82 -9.71 24.94
N LYS B 102 1.92 -9.97 26.23
CA LYS B 102 1.23 -11.09 26.85
C LYS B 102 -0.29 -10.95 26.71
N PHE B 103 -0.77 -9.71 26.78
CA PHE B 103 -2.19 -9.43 26.64
C PHE B 103 -2.69 -9.80 25.24
N LYS B 104 -1.96 -9.35 24.22
CA LYS B 104 -2.33 -9.61 22.84
C LYS B 104 -2.23 -11.09 22.50
N LYS B 105 -1.20 -11.75 23.04
CA LYS B 105 -1.00 -13.18 22.80
C LYS B 105 -2.12 -14.00 23.44
N ASN B 106 -2.56 -13.56 24.62
CA ASN B 106 -3.65 -14.24 25.31
C ASN B 106 -4.99 -13.99 24.63
N GLU B 107 -5.21 -12.75 24.19
CA GLU B 107 -6.41 -12.39 23.46
C GLU B 107 -6.51 -13.18 22.16
N PHE B 108 -5.34 -13.39 21.54
CA PHE B 108 -5.24 -14.19 20.32
C PHE B 108 -5.72 -15.62 20.54
N ARG B 109 -5.22 -16.24 21.60
CA ARG B 109 -5.57 -17.61 21.93
C ARG B 109 -6.99 -17.75 22.49
N LYS B 110 -7.41 -16.76 23.27
CA LYS B 110 -8.75 -16.75 23.84
C LYS B 110 -9.80 -16.69 22.73
N PHE B 111 -9.48 -15.97 21.66
CA PHE B 111 -10.36 -15.83 20.52
C PHE B 111 -10.74 -17.19 19.92
N PHE B 112 -9.73 -18.00 19.64
CA PHE B 112 -9.95 -19.31 19.05
C PHE B 112 -10.55 -20.28 20.05
N PHE B 113 -10.36 -20.00 21.34
CA PHE B 113 -10.96 -20.81 22.39
C PHE B 113 -12.47 -20.60 22.41
N MSE B 114 -12.89 -19.35 22.28
CA MSE B 114 -14.30 -19.01 22.19
C MSE B 114 -14.85 -19.39 20.83
O MSE B 114 -16.07 -19.36 20.61
CB MSE B 114 -14.52 -17.52 22.45
CG MSE B 114 -14.15 -17.06 23.85
SE MSE B 114 -14.48 -15.16 24.12
CE MSE B 114 -16.39 -15.12 23.74
N LYS B 115 -13.95 -19.74 19.92
CA LYS B 115 -14.34 -20.17 18.58
C LYS B 115 -14.48 -21.69 18.56
N LYS B 116 -13.89 -22.34 19.56
CA LYS B 116 -13.95 -23.79 19.68
C LYS B 116 -15.38 -24.27 19.90
N GLN B 117 -16.11 -23.59 20.78
CA GLN B 117 -17.50 -23.93 21.05
C GLN B 117 -18.34 -23.80 19.78
N GLN B 118 -19.20 -24.79 19.56
CA GLN B 118 -20.02 -24.84 18.35
C GLN B 118 -21.43 -25.33 18.68
N LYS B 119 -21.56 -25.96 19.83
CA LYS B 119 -22.86 -26.49 20.27
C LYS B 119 -23.28 -25.88 21.60
K K E . -8.92 1.61 -20.52
#